data_8UK6
#
_entry.id   8UK6
#
_cell.length_a   143.090
_cell.length_b   143.090
_cell.length_c   145.710
_cell.angle_alpha   90.00
_cell.angle_beta   90.00
_cell.angle_gamma   90.00
#
_symmetry.space_group_name_H-M   'I 4 2 2'
#
loop_
_entity.id
_entity.type
_entity.pdbx_description
1 polymer 'glutamine--tRNA ligase'
2 non-polymer 'ZINC ION'
3 non-polymer (2E)-N-(pyrimidin-2-yl)-3-(thiophen-2-yl)prop-2-enamide
4 water water
#
_entity_poly.entity_id   1
_entity_poly.type   'polypeptide(L)'
_entity_poly.pdbx_seq_one_letter_code
;GSSHHHHHHSSGLVPRGSHMSTKTDISTEELVSLFSKAGFEEKKSAEIVKNKKVASALYNILGSNFPKTDDKKLSLLHQL
AIHESKNGKVPNHDFIIDGIQKGDLKTALQVTEGIKYLQNNATVDKEKFDEASGVGIEITPEEAKVEISKYLDSIKTDLE
SKRYSILPKVLGEVKTQPSLKWAPPNLFKPILDEEFLARLGPKDERDVKKKEKKAKTPANAAATKKQDTGSEPERSMFSE
GFLGDLHKPGEEPQMYPELLEEHKKFICDKVYTRFPPEPNGFLHIGHSKAIMVNFGYAQFNKGNCYLRFDDTNPEAEEEV
YFNSIKEMVSWLGYKPWKITYSSDYFDELYELAIKLIKSDKAYICHCTPEEVKASRGLKEDGTLGGERVACKHRFQTVEH
NLREFENMKNGKYNVGEATLRMKQDLNSPSPQMWDLVAYRVLNTPHHRTGDKWKIYPTYDFTHCLVDSFENITHSLCTTE
FVLSRESYEWLCDALHVYRPAQREYGRLNLTGTIMSKRKIAKLVNEGYVRGWDDPRLYTLEGIKRRGVPPGAILSFINTL
GVTTSTTNIQTVRFESAVRNYLDQTTPRLMMVLHPIEVVIDNLDESFSLDVEIPYKPGKDEKSMGYRKLTFSKHIYIDEN
DVRAEPADKEFYRLAPGQPVGLMRVPFNISFKSIEEKDGKKIVHVNYDEGVKAKPKTYIQWIPKDTAVHIKEVRIYNQLF
KSENPSAHPEGYLKDINPDSEEVLRNAVVEENLKDIVAKSPMNIEIPGSAFNIKENKGNNTVRFQALREGYFCLDKDSKE
DGLILNRIVSLKEDAAKK
;
_entity_poly.pdbx_strand_id   A
#
# COMPACT_ATOMS: atom_id res chain seq x y z
N PRO A 233 -20.20 -9.55 -15.15
CA PRO A 233 -18.87 -10.06 -14.84
C PRO A 233 -17.95 -9.01 -14.24
N GLU A 234 -16.65 -9.13 -14.52
CA GLU A 234 -15.62 -8.25 -13.97
C GLU A 234 -14.97 -7.50 -15.13
N ARG A 235 -15.30 -6.22 -15.27
CA ARG A 235 -14.80 -5.43 -16.39
C ARG A 235 -13.41 -4.89 -16.05
N SER A 236 -12.41 -5.28 -16.83
CA SER A 236 -11.04 -4.85 -16.59
C SER A 236 -10.90 -3.35 -16.85
N MET A 237 -10.08 -2.70 -16.04
CA MET A 237 -9.86 -1.27 -16.20
C MET A 237 -8.93 -0.93 -17.36
N PHE A 238 -8.17 -1.91 -17.85
CA PHE A 238 -7.19 -1.63 -18.89
C PHE A 238 -7.81 -1.54 -20.28
N SER A 239 -9.04 -2.00 -20.45
CA SER A 239 -9.75 -1.90 -21.71
C SER A 239 -10.84 -0.82 -21.68
N GLU A 240 -10.81 0.05 -20.68
CA GLU A 240 -11.81 1.10 -20.54
C GLU A 240 -11.14 2.40 -20.13
N GLY A 241 -11.81 3.51 -20.46
CA GLY A 241 -11.44 4.80 -19.92
C GLY A 241 -10.07 5.27 -20.37
N PHE A 242 -9.30 5.79 -19.41
CA PHE A 242 -8.01 6.41 -19.71
C PHE A 242 -7.06 5.42 -20.38
N LEU A 243 -6.98 4.20 -19.86
CA LEU A 243 -6.02 3.23 -20.37
C LEU A 243 -6.48 2.61 -21.70
N GLY A 244 -7.78 2.38 -21.85
CA GLY A 244 -8.30 1.75 -23.05
C GLY A 244 -8.29 2.62 -24.28
N ASP A 245 -8.04 3.92 -24.12
CA ASP A 245 -8.02 4.86 -25.24
C ASP A 245 -6.62 5.38 -25.53
N LEU A 246 -5.60 4.84 -24.87
CA LEU A 246 -4.24 5.23 -25.17
C LEU A 246 -3.81 4.71 -26.54
N HIS A 247 -2.80 5.35 -27.08
CA HIS A 247 -2.28 5.02 -28.40
C HIS A 247 -1.63 3.63 -28.41
N LYS A 248 -1.38 3.14 -29.62
CA LYS A 248 -0.62 1.90 -29.79
C LYS A 248 0.87 2.18 -29.67
N PRO A 249 1.65 1.22 -29.17
CA PRO A 249 3.10 1.41 -29.11
C PRO A 249 3.68 1.54 -30.51
N GLY A 250 4.63 2.47 -30.64
CA GLY A 250 5.21 2.80 -31.92
C GLY A 250 4.51 3.93 -32.67
N GLU A 251 3.40 4.43 -32.13
CA GLU A 251 2.64 5.51 -32.73
C GLU A 251 2.55 6.71 -31.78
N GLU A 252 3.65 6.98 -31.10
CA GLU A 252 3.71 8.14 -30.21
C GLU A 252 3.92 9.40 -31.03
N PRO A 253 3.15 10.46 -30.79
CA PRO A 253 3.28 11.68 -31.59
C PRO A 253 4.69 12.24 -31.52
N GLN A 254 5.27 12.48 -32.69
CA GLN A 254 6.64 12.95 -32.81
C GLN A 254 6.69 14.28 -33.54
N MET A 255 7.62 15.14 -33.14
CA MET A 255 7.93 16.31 -33.95
C MET A 255 8.74 15.91 -35.17
N TYR A 256 9.71 15.01 -34.98
CA TYR A 256 10.50 14.45 -36.08
C TYR A 256 10.09 12.99 -36.24
N PRO A 257 9.25 12.66 -37.23
CA PRO A 257 8.70 11.29 -37.31
C PRO A 257 9.70 10.23 -37.77
N GLU A 258 10.94 10.60 -38.11
CA GLU A 258 11.94 9.59 -38.47
C GLU A 258 12.61 8.98 -37.24
N LEU A 259 12.42 9.55 -36.05
CA LEU A 259 12.96 9.01 -34.82
C LEU A 259 12.20 7.81 -34.30
N LEU A 260 11.23 7.31 -35.06
CA LEU A 260 10.47 6.12 -34.67
C LEU A 260 11.06 4.82 -35.20
N GLU A 261 11.86 4.88 -36.28
CA GLU A 261 12.40 3.64 -36.83
C GLU A 261 13.39 2.99 -35.87
N GLU A 262 14.24 3.78 -35.22
CA GLU A 262 15.09 3.23 -34.17
C GLU A 262 14.28 2.84 -32.94
N HIS A 263 13.16 3.53 -32.71
CA HIS A 263 12.29 3.21 -31.59
C HIS A 263 11.44 1.97 -31.89
N LYS A 264 10.88 1.88 -33.10
CA LYS A 264 10.05 0.72 -33.44
C LYS A 264 10.87 -0.57 -33.44
N LYS A 265 12.10 -0.52 -33.94
CA LYS A 265 12.96 -1.70 -34.01
C LYS A 265 13.36 -2.20 -32.63
N PHE A 266 13.17 -1.41 -31.58
CA PHE A 266 13.44 -1.86 -30.22
C PHE A 266 12.22 -2.44 -29.54
N ILE A 267 11.03 -1.88 -29.78
CA ILE A 267 9.86 -2.27 -29.01
C ILE A 267 9.18 -3.52 -29.57
N CYS A 268 9.21 -3.71 -30.89
CA CYS A 268 8.61 -4.88 -31.54
C CYS A 268 7.12 -5.00 -31.20
N ASP A 269 6.40 -3.88 -31.32
CA ASP A 269 4.97 -3.81 -31.04
C ASP A 269 4.63 -4.23 -29.61
N LYS A 270 5.56 -4.00 -28.68
CA LYS A 270 5.33 -4.27 -27.26
C LYS A 270 5.24 -2.95 -26.51
N VAL A 271 4.36 -2.91 -25.51
CA VAL A 271 4.25 -1.75 -24.64
C VAL A 271 5.41 -1.73 -23.66
N TYR A 272 5.99 -0.56 -23.45
CA TYR A 272 7.06 -0.37 -22.48
C TYR A 272 6.70 0.79 -21.56
N THR A 273 6.54 0.50 -20.27
CA THR A 273 6.18 1.49 -19.27
C THR A 273 7.25 1.52 -18.17
N ARG A 274 7.06 2.43 -17.21
CA ARG A 274 8.01 2.61 -16.12
C ARG A 274 7.25 2.77 -14.82
N PHE A 275 7.94 2.46 -13.71
CA PHE A 275 7.51 2.87 -12.38
C PHE A 275 8.69 3.59 -11.75
N PRO A 276 8.58 4.88 -11.44
CA PRO A 276 9.76 5.66 -11.07
C PRO A 276 9.65 6.23 -9.68
N PRO A 277 9.61 5.40 -8.64
CA PRO A 277 9.50 5.95 -7.29
C PRO A 277 10.82 6.53 -6.81
N GLU A 278 10.74 7.64 -6.10
CA GLU A 278 11.92 8.24 -5.49
C GLU A 278 12.22 7.53 -4.18
N PRO A 279 13.41 6.94 -4.01
CA PRO A 279 13.70 6.11 -2.83
C PRO A 279 14.15 6.93 -1.62
N ASN A 280 13.25 7.80 -1.15
CA ASN A 280 13.50 8.62 0.04
C ASN A 280 12.32 8.53 0.99
N GLY A 281 11.71 7.36 1.07
CA GLY A 281 10.53 7.18 1.90
C GLY A 281 9.80 5.93 1.50
N PHE A 282 8.77 5.61 2.28
CA PHE A 282 7.99 4.41 2.02
C PHE A 282 6.83 4.72 1.09
N LEU A 283 6.38 3.68 0.40
CA LEU A 283 5.23 3.82 -0.50
C LEU A 283 3.93 3.75 0.30
N HIS A 284 3.04 4.70 0.04
CA HIS A 284 1.73 4.68 0.66
C HIS A 284 0.73 4.05 -0.31
N ILE A 285 -0.56 4.16 0.02
CA ILE A 285 -1.55 3.44 -0.78
C ILE A 285 -1.71 4.05 -2.16
N GLY A 286 -1.44 5.35 -2.30
CA GLY A 286 -1.54 5.99 -3.62
C GLY A 286 -0.61 5.36 -4.64
N HIS A 287 0.53 4.85 -4.20
CA HIS A 287 1.47 4.21 -5.12
C HIS A 287 0.95 2.89 -5.66
N SER A 288 -0.05 2.29 -5.02
CA SER A 288 -0.63 1.07 -5.55
C SER A 288 -1.39 1.32 -6.85
N LYS A 289 -1.93 2.52 -7.01
CA LYS A 289 -2.52 2.90 -8.30
C LYS A 289 -1.44 3.15 -9.33
N ALA A 290 -0.32 3.74 -8.92
CA ALA A 290 0.81 3.94 -9.83
C ALA A 290 1.41 2.60 -10.25
N ILE A 291 1.48 1.65 -9.32
CA ILE A 291 2.02 0.33 -9.65
C ILE A 291 1.07 -0.44 -10.55
N MET A 292 -0.23 -0.39 -10.24
CA MET A 292 -1.19 -1.16 -11.02
C MET A 292 -1.33 -0.61 -12.44
N VAL A 293 -1.35 0.73 -12.57
CA VAL A 293 -1.50 1.34 -13.88
C VAL A 293 -0.33 0.99 -14.79
N ASN A 294 0.90 1.02 -14.25
CA ASN A 294 2.08 0.87 -15.08
C ASN A 294 2.46 -0.59 -15.32
N PHE A 295 2.51 -1.42 -14.28
CA PHE A 295 2.78 -2.83 -14.50
C PHE A 295 1.59 -3.55 -15.12
N GLY A 296 0.38 -3.11 -14.78
CA GLY A 296 -0.80 -3.81 -15.28
C GLY A 296 -1.05 -3.57 -16.75
N TYR A 297 -0.89 -2.32 -17.21
CA TYR A 297 -1.02 -2.04 -18.63
C TYR A 297 0.05 -2.78 -19.43
N ALA A 298 1.28 -2.81 -18.91
CA ALA A 298 2.34 -3.57 -19.58
C ALA A 298 2.00 -5.05 -19.63
N GLN A 299 1.46 -5.60 -18.55
CA GLN A 299 1.13 -7.02 -18.53
C GLN A 299 -0.12 -7.32 -19.32
N PHE A 300 -1.11 -6.42 -19.30
CA PHE A 300 -2.36 -6.66 -20.00
C PHE A 300 -2.15 -6.78 -21.51
N ASN A 301 -1.20 -6.01 -22.04
CA ASN A 301 -0.88 -6.01 -23.47
C ASN A 301 0.35 -6.84 -23.80
N LYS A 302 0.77 -7.72 -22.88
CA LYS A 302 1.94 -8.58 -23.08
C LYS A 302 3.19 -7.77 -23.38
N GLY A 303 3.36 -6.67 -22.67
CA GLY A 303 4.53 -5.83 -22.82
C GLY A 303 5.48 -5.92 -21.65
N ASN A 304 6.26 -4.87 -21.41
CA ASN A 304 7.25 -4.85 -20.34
C ASN A 304 7.17 -3.55 -19.56
N CYS A 305 7.55 -3.62 -18.28
CA CYS A 305 7.51 -2.46 -17.39
C CYS A 305 8.80 -2.38 -16.60
N TYR A 306 9.49 -1.25 -16.71
CA TYR A 306 10.70 -1.00 -15.94
C TYR A 306 10.35 -0.70 -14.49
N LEU A 307 11.23 -1.15 -13.59
CA LEU A 307 11.24 -0.69 -12.20
C LEU A 307 12.46 0.20 -12.08
N ARG A 308 12.24 1.51 -12.14
CA ARG A 308 13.32 2.50 -12.22
C ARG A 308 13.34 3.33 -10.95
N PHE A 309 14.41 3.17 -10.16
CA PHE A 309 14.60 4.00 -8.98
C PHE A 309 15.03 5.40 -9.40
N ASP A 310 14.33 6.41 -8.90
CA ASP A 310 14.61 7.80 -9.26
C ASP A 310 15.59 8.43 -8.28
N ASP A 311 16.78 7.82 -8.19
CA ASP A 311 17.85 8.32 -7.34
C ASP A 311 18.63 9.47 -7.98
N THR A 312 17.94 10.39 -8.64
CA THR A 312 18.60 11.57 -9.17
C THR A 312 19.23 12.40 -8.06
N ASN A 313 18.47 12.60 -6.97
CA ASN A 313 18.98 13.37 -5.84
C ASN A 313 19.86 12.50 -4.96
N PRO A 314 21.13 12.84 -4.78
CA PRO A 314 21.99 12.02 -3.91
C PRO A 314 21.87 12.41 -2.45
N GLU A 315 21.54 11.44 -1.60
CA GLU A 315 21.44 11.69 -0.16
C GLU A 315 22.00 10.50 0.61
N ALA A 316 21.53 10.30 1.84
CA ALA A 316 21.91 9.10 2.57
C ALA A 316 21.43 7.85 1.85
N GLU A 317 20.23 7.89 1.28
CA GLU A 317 19.66 6.82 0.46
C GLU A 317 19.75 5.48 1.18
N GLU A 318 18.91 5.36 2.21
CA GLU A 318 18.90 4.18 3.05
C GLU A 318 18.42 2.97 2.25
N GLU A 319 19.14 1.85 2.39
CA GLU A 319 18.86 0.67 1.57
C GLU A 319 17.47 0.11 1.80
N VAL A 320 16.82 0.43 2.92
CA VAL A 320 15.52 -0.17 3.21
C VAL A 320 14.46 0.36 2.26
N TYR A 321 14.60 1.59 1.79
CA TYR A 321 13.64 2.13 0.83
C TYR A 321 13.69 1.35 -0.48
N PHE A 322 14.90 1.06 -0.96
CA PHE A 322 15.05 0.30 -2.19
C PHE A 322 14.46 -1.10 -2.05
N ASN A 323 14.71 -1.75 -0.90
CA ASN A 323 14.17 -3.09 -0.68
C ASN A 323 12.65 -3.06 -0.54
N SER A 324 12.14 -2.12 0.28
CA SER A 324 10.70 -2.03 0.50
C SER A 324 9.96 -1.81 -0.80
N ILE A 325 10.52 -0.99 -1.70
CA ILE A 325 9.88 -0.75 -2.99
C ILE A 325 9.85 -2.03 -3.82
N LYS A 326 10.99 -2.73 -3.89
CA LYS A 326 11.04 -4.01 -4.58
C LYS A 326 10.03 -5.00 -4.00
N GLU A 327 9.99 -5.10 -2.68
CA GLU A 327 9.09 -6.05 -2.03
C GLU A 327 7.63 -5.72 -2.32
N MET A 328 7.28 -4.43 -2.30
CA MET A 328 5.89 -4.04 -2.50
C MET A 328 5.44 -4.25 -3.95
N VAL A 329 6.36 -4.14 -4.91
CA VAL A 329 6.03 -4.51 -6.27
C VAL A 329 5.82 -6.02 -6.38
N SER A 330 6.78 -6.78 -5.83
CA SER A 330 6.68 -8.23 -5.89
C SER A 330 5.48 -8.74 -5.10
N TRP A 331 5.12 -8.06 -4.02
CA TRP A 331 3.98 -8.48 -3.20
C TRP A 331 2.67 -8.30 -3.95
N LEU A 332 2.57 -7.28 -4.79
CA LEU A 332 1.37 -7.04 -5.59
C LEU A 332 1.31 -7.91 -6.85
N GLY A 333 2.17 -8.92 -6.95
CA GLY A 333 2.07 -9.87 -8.04
C GLY A 333 2.56 -9.37 -9.38
N TYR A 334 3.43 -8.37 -9.41
CA TYR A 334 4.01 -7.86 -10.64
C TYR A 334 5.51 -8.09 -10.64
N LYS A 335 6.03 -8.55 -11.77
CA LYS A 335 7.46 -8.77 -11.92
C LYS A 335 8.02 -7.74 -12.89
N PRO A 336 9.00 -6.95 -12.49
CA PRO A 336 9.62 -6.01 -13.42
C PRO A 336 10.36 -6.74 -14.51
N TRP A 337 10.32 -6.17 -15.72
CA TRP A 337 11.10 -6.72 -16.82
C TRP A 337 12.59 -6.42 -16.63
N LYS A 338 12.91 -5.27 -16.06
CA LYS A 338 14.28 -4.93 -15.73
C LYS A 338 14.27 -3.85 -14.66
N ILE A 339 15.18 -3.97 -13.70
CA ILE A 339 15.35 -2.99 -12.63
C ILE A 339 16.46 -2.04 -13.05
N THR A 340 16.17 -0.75 -13.12
CA THR A 340 17.12 0.26 -13.53
C THR A 340 17.18 1.38 -12.49
N TYR A 341 18.18 2.24 -12.64
CA TYR A 341 18.35 3.42 -11.81
C TYR A 341 18.46 4.64 -12.71
N SER A 342 18.05 5.80 -12.18
CA SER A 342 18.27 7.04 -12.91
C SER A 342 19.77 7.38 -12.98
N SER A 343 20.52 7.04 -11.93
CA SER A 343 21.95 7.28 -11.93
C SER A 343 22.68 6.50 -13.02
N ASP A 344 22.06 5.43 -13.54
CA ASP A 344 22.67 4.63 -14.59
C ASP A 344 22.97 5.45 -15.85
N TYR A 345 22.38 6.64 -15.98
CA TYR A 345 22.49 7.43 -17.19
C TYR A 345 23.16 8.78 -16.96
N PHE A 346 23.93 8.93 -15.88
CA PHE A 346 24.58 10.20 -15.61
C PHE A 346 25.55 10.58 -16.72
N ASP A 347 26.21 9.59 -17.32
CA ASP A 347 27.13 9.87 -18.42
C ASP A 347 26.38 10.37 -19.65
N GLU A 348 25.37 9.61 -20.10
CA GLU A 348 24.62 10.01 -21.28
C GLU A 348 23.88 11.33 -21.07
N LEU A 349 23.44 11.61 -19.84
CA LEU A 349 22.78 12.88 -19.57
C LEU A 349 23.75 14.04 -19.65
N TYR A 350 25.00 13.84 -19.21
CA TYR A 350 26.00 14.90 -19.31
C TYR A 350 26.33 15.21 -20.76
N GLU A 351 26.30 14.21 -21.64
CA GLU A 351 26.56 14.45 -23.06
C GLU A 351 25.45 15.28 -23.69
N LEU A 352 24.20 15.06 -23.27
CA LEU A 352 23.08 15.82 -23.80
C LEU A 352 23.00 17.23 -23.22
N ALA A 353 23.61 17.47 -22.05
CA ALA A 353 23.73 18.83 -21.57
C ALA A 353 24.66 19.66 -22.45
N ILE A 354 25.71 19.03 -22.97
CA ILE A 354 26.61 19.71 -23.91
C ILE A 354 25.89 20.00 -25.22
N LYS A 355 25.18 18.99 -25.74
CA LYS A 355 24.46 19.16 -27.01
C LYS A 355 23.43 20.28 -26.90
N LEU A 356 22.77 20.40 -25.75
CA LEU A 356 21.84 21.50 -25.54
C LEU A 356 22.57 22.82 -25.44
N ILE A 357 23.73 22.83 -24.78
CA ILE A 357 24.54 24.05 -24.70
C ILE A 357 25.09 24.41 -26.07
N LYS A 358 25.68 23.43 -26.76
CA LYS A 358 26.18 23.65 -28.12
C LYS A 358 25.07 24.08 -29.07
N SER A 359 23.82 23.75 -28.77
CA SER A 359 22.68 24.15 -29.58
C SER A 359 22.15 25.53 -29.19
N ASP A 360 22.82 26.24 -28.30
CA ASP A 360 22.39 27.55 -27.81
C ASP A 360 21.00 27.48 -27.20
N LYS A 361 20.74 26.39 -26.48
CA LYS A 361 19.45 26.15 -25.84
C LYS A 361 19.56 26.04 -24.33
N ALA A 362 20.68 26.47 -23.76
CA ALA A 362 20.86 26.46 -22.32
C ALA A 362 21.98 27.44 -21.97
N TYR A 363 22.11 27.73 -20.67
CA TYR A 363 23.08 28.70 -20.21
C TYR A 363 23.28 28.53 -18.70
N ILE A 364 24.39 29.05 -18.21
CA ILE A 364 24.77 28.96 -16.80
C ILE A 364 24.43 30.28 -16.11
N CYS A 365 23.69 30.19 -15.01
CA CYS A 365 23.25 31.36 -14.25
C CYS A 365 23.85 31.34 -12.86
N HIS A 366 24.23 32.53 -12.38
CA HIS A 366 24.77 32.71 -11.03
C HIS A 366 23.80 33.50 -10.15
N CYS A 367 22.50 33.41 -10.43
CA CYS A 367 21.51 34.19 -9.72
C CYS A 367 21.13 33.54 -8.40
N THR A 368 20.80 34.39 -7.42
CA THR A 368 20.28 33.92 -6.16
C THR A 368 18.82 33.52 -6.30
N PRO A 369 18.33 32.63 -5.43
CA PRO A 369 16.91 32.24 -5.52
C PRO A 369 15.94 33.42 -5.42
N GLU A 370 16.33 34.50 -4.75
CA GLU A 370 15.48 35.69 -4.71
C GLU A 370 15.48 36.42 -6.04
N GLU A 371 16.61 36.40 -6.76
CA GLU A 371 16.71 37.14 -8.01
C GLU A 371 15.80 36.56 -9.08
N VAL A 372 15.74 35.23 -9.21
CA VAL A 372 14.94 34.62 -10.26
C VAL A 372 13.45 34.81 -10.00
N LYS A 373 13.06 35.06 -8.75
CA LYS A 373 11.65 35.37 -8.47
C LYS A 373 11.25 36.68 -9.12
N ALA A 374 12.14 37.66 -9.12
CA ALA A 374 11.87 38.92 -9.81
C ALA A 374 11.88 38.72 -11.32
N SER A 375 12.81 37.91 -11.82
CA SER A 375 12.85 37.62 -13.26
C SER A 375 11.65 36.79 -13.71
N ARG A 376 10.93 36.17 -12.76
CA ARG A 376 9.71 35.44 -13.08
C ARG A 376 8.44 36.23 -12.77
N GLY A 377 8.57 37.40 -12.15
CA GLY A 377 7.43 38.27 -11.95
C GLY A 377 6.70 38.05 -10.64
N LEU A 378 7.41 38.15 -9.52
CA LEU A 378 6.80 38.03 -8.21
C LEU A 378 6.17 39.35 -7.79
N GLY A 386 3.68 39.44 -12.20
CA GLY A 386 4.56 40.54 -12.56
C GLY A 386 5.04 40.47 -14.01
N GLU A 387 6.15 41.15 -14.29
CA GLU A 387 6.75 41.19 -15.60
C GLU A 387 8.03 40.36 -15.60
N ARG A 388 8.11 39.39 -16.51
CA ARG A 388 9.28 38.53 -16.61
C ARG A 388 10.38 39.23 -17.40
N VAL A 389 11.58 39.29 -16.82
CA VAL A 389 12.75 39.83 -17.50
C VAL A 389 13.79 38.72 -17.63
N ALA A 390 14.65 38.86 -18.63
CA ALA A 390 15.73 37.90 -18.83
C ALA A 390 16.89 38.23 -17.90
N CYS A 391 17.94 37.41 -17.98
CA CYS A 391 19.14 37.63 -17.19
C CYS A 391 20.34 37.73 -18.13
N LYS A 392 21.39 38.41 -17.65
CA LYS A 392 22.57 38.63 -18.49
C LYS A 392 23.21 37.32 -18.92
N HIS A 393 23.04 36.26 -18.12
CA HIS A 393 23.65 34.98 -18.45
C HIS A 393 23.00 34.34 -19.68
N ARG A 394 21.72 34.63 -19.93
CA ARG A 394 21.00 34.04 -21.05
C ARG A 394 21.65 34.38 -22.38
N PHE A 395 22.32 35.52 -22.46
CA PHE A 395 22.94 36.00 -23.69
C PHE A 395 24.44 35.73 -23.72
N GLN A 396 24.94 34.90 -22.82
CA GLN A 396 26.34 34.47 -22.90
C GLN A 396 26.56 33.66 -24.17
N THR A 397 27.73 33.83 -24.77
CA THR A 397 28.06 33.08 -25.96
C THR A 397 28.06 31.58 -25.67
N VAL A 398 27.89 30.79 -26.73
CA VAL A 398 27.84 29.34 -26.58
C VAL A 398 29.16 28.82 -25.99
N GLU A 399 30.28 29.36 -26.48
CA GLU A 399 31.57 28.98 -25.93
C GLU A 399 31.74 29.41 -24.48
N HIS A 400 31.04 30.46 -24.06
CA HIS A 400 31.08 30.87 -22.66
C HIS A 400 30.26 29.93 -21.78
N ASN A 401 29.16 29.40 -22.31
CA ASN A 401 28.40 28.39 -21.57
C ASN A 401 29.18 27.09 -21.48
N LEU A 402 29.82 26.66 -22.57
CA LEU A 402 30.65 25.47 -22.53
C LEU A 402 31.79 25.63 -21.54
N ARG A 403 32.42 26.80 -21.50
CA ARG A 403 33.55 27.00 -20.60
C ARG A 403 33.12 26.94 -19.15
N GLU A 404 31.95 27.51 -18.84
CA GLU A 404 31.51 27.56 -17.45
C GLU A 404 30.97 26.22 -16.98
N PHE A 405 30.36 25.45 -17.88
CA PHE A 405 29.78 24.17 -17.48
C PHE A 405 30.87 23.15 -17.17
N GLU A 406 31.96 23.15 -17.93
CA GLU A 406 33.07 22.26 -17.61
C GLU A 406 33.69 22.62 -16.27
N ASN A 407 33.58 23.89 -15.85
CA ASN A 407 33.99 24.29 -14.52
C ASN A 407 33.05 23.68 -13.46
N MET A 408 31.74 23.75 -13.69
CA MET A 408 30.80 23.14 -12.76
C MET A 408 31.07 21.66 -12.58
N LYS A 409 31.40 20.95 -13.66
CA LYS A 409 31.67 19.52 -13.56
C LYS A 409 32.83 19.24 -12.61
N ASN A 410 33.85 20.09 -12.63
CA ASN A 410 35.06 19.88 -11.84
C ASN A 410 35.00 20.56 -10.48
N GLY A 411 33.81 20.72 -9.91
CA GLY A 411 33.67 21.27 -8.56
C GLY A 411 34.22 22.68 -8.42
N LYS A 412 33.94 23.55 -9.38
CA LYS A 412 34.50 24.90 -9.31
C LYS A 412 33.69 25.79 -8.36
N TYR A 413 32.37 25.77 -8.48
CA TYR A 413 31.56 26.65 -7.67
C TYR A 413 30.82 25.89 -6.58
N ASN A 414 30.36 26.66 -5.59
CA ASN A 414 29.70 26.14 -4.41
C ASN A 414 28.24 25.79 -4.70
N VAL A 415 27.58 25.20 -3.69
CA VAL A 415 26.20 24.81 -3.83
C VAL A 415 25.33 26.05 -3.94
N GLY A 416 24.50 26.11 -5.00
CA GLY A 416 23.54 27.18 -5.18
C GLY A 416 24.05 28.40 -5.91
N GLU A 417 25.37 28.60 -5.98
CA GLU A 417 25.93 29.79 -6.60
C GLU A 417 25.96 29.73 -8.12
N ALA A 418 25.74 28.56 -8.71
CA ALA A 418 25.78 28.42 -10.16
C ALA A 418 24.80 27.32 -10.57
N THR A 419 24.02 27.59 -11.61
CA THR A 419 23.07 26.62 -12.14
C THR A 419 23.25 26.54 -13.65
N LEU A 420 22.47 25.66 -14.27
CA LEU A 420 22.44 25.50 -15.73
C LEU A 420 20.98 25.53 -16.15
N ARG A 421 20.51 26.68 -16.62
CA ARG A 421 19.10 26.89 -16.93
C ARG A 421 18.85 26.66 -18.41
N MET A 422 17.71 26.04 -18.72
CA MET A 422 17.31 25.85 -20.11
C MET A 422 16.91 27.17 -20.72
N LYS A 423 17.27 27.36 -21.99
CA LYS A 423 16.89 28.58 -22.72
C LYS A 423 15.60 28.27 -23.47
N GLN A 424 14.47 28.53 -22.82
CA GLN A 424 13.17 28.14 -23.35
C GLN A 424 12.42 29.34 -23.93
N ASP A 425 11.51 29.92 -23.15
CA ASP A 425 10.68 31.02 -23.65
C ASP A 425 10.11 31.79 -22.46
N LEU A 426 10.39 33.08 -22.38
CA LEU A 426 9.91 33.89 -21.28
C LEU A 426 8.59 34.58 -21.58
N ASN A 427 8.19 34.67 -22.85
CA ASN A 427 6.88 35.21 -23.18
C ASN A 427 5.76 34.17 -23.04
N SER A 428 6.11 32.90 -22.89
CA SER A 428 5.09 31.87 -22.72
C SER A 428 4.43 31.99 -21.35
N PRO A 429 3.09 31.91 -21.30
CA PRO A 429 2.40 32.07 -20.01
C PRO A 429 2.62 30.92 -19.04
N SER A 430 3.12 29.77 -19.49
CA SER A 430 3.32 28.63 -18.61
C SER A 430 4.51 28.88 -17.69
N PRO A 431 4.32 28.88 -16.37
CA PRO A 431 5.47 29.03 -15.47
C PRO A 431 6.43 27.86 -15.53
N GLN A 432 5.98 26.71 -16.04
CA GLN A 432 6.82 25.53 -16.18
C GLN A 432 7.69 25.67 -17.42
N MET A 433 7.99 26.91 -17.82
CA MET A 433 8.84 27.17 -18.98
C MET A 433 9.57 28.50 -18.84
N TRP A 434 9.82 28.95 -17.62
CA TRP A 434 10.54 30.20 -17.37
C TRP A 434 12.00 29.90 -17.04
N ASP A 435 12.67 29.26 -18.00
CA ASP A 435 14.07 28.86 -17.91
C ASP A 435 14.31 27.97 -16.68
N LEU A 436 13.79 26.75 -16.79
CA LEU A 436 13.94 25.76 -15.72
C LEU A 436 15.40 25.41 -15.52
N VAL A 437 15.76 25.12 -14.27
CA VAL A 437 17.10 24.66 -13.94
C VAL A 437 17.23 23.20 -14.38
N ALA A 438 18.27 22.91 -15.16
CA ALA A 438 18.54 21.56 -15.64
C ALA A 438 19.65 20.85 -14.89
N TYR A 439 20.62 21.59 -14.34
CA TYR A 439 21.69 21.02 -13.54
C TYR A 439 21.97 21.93 -12.35
N ARG A 440 22.10 21.33 -11.18
CA ARG A 440 22.47 22.04 -9.96
C ARG A 440 23.77 21.46 -9.44
N VAL A 441 24.64 22.33 -8.94
CA VAL A 441 25.91 21.90 -8.37
C VAL A 441 25.68 21.48 -6.93
N LEU A 442 26.10 20.26 -6.59
CA LEU A 442 25.90 19.70 -5.26
C LEU A 442 27.20 19.36 -4.56
N ASN A 443 28.21 18.87 -5.30
CA ASN A 443 29.52 18.55 -4.74
C ASN A 443 29.43 17.58 -3.56
N THR A 444 28.61 16.55 -3.72
CA THR A 444 28.38 15.56 -2.68
C THR A 444 28.42 14.17 -3.29
N PRO A 445 28.68 13.14 -2.49
CA PRO A 445 28.73 11.78 -3.03
C PRO A 445 27.34 11.19 -3.24
N HIS A 446 27.22 10.44 -4.33
CA HIS A 446 26.02 9.69 -4.67
C HIS A 446 26.23 8.22 -4.31
N HIS A 447 25.18 7.58 -3.77
CA HIS A 447 25.35 6.24 -3.22
C HIS A 447 25.72 5.21 -4.28
N ARG A 448 25.44 5.48 -5.55
CA ARG A 448 25.76 4.55 -6.62
C ARG A 448 26.95 4.96 -7.47
N THR A 449 27.27 6.26 -7.53
CA THR A 449 28.36 6.75 -8.36
C THR A 449 29.48 7.43 -7.58
N GLY A 450 29.27 7.75 -6.30
CA GLY A 450 30.34 8.29 -5.50
C GLY A 450 30.63 9.75 -5.80
N ASP A 451 31.89 10.12 -5.74
CA ASP A 451 32.34 11.49 -5.98
C ASP A 451 32.64 11.77 -7.44
N LYS A 452 32.36 10.82 -8.33
CA LYS A 452 32.62 11.04 -9.76
C LYS A 452 31.89 12.28 -10.26
N TRP A 453 30.67 12.50 -9.80
CA TRP A 453 29.85 13.61 -10.26
C TRP A 453 29.79 14.70 -9.20
N LYS A 454 30.15 15.92 -9.62
CA LYS A 454 30.05 17.09 -8.76
C LYS A 454 28.81 17.93 -9.05
N ILE A 455 28.19 17.72 -10.21
CA ILE A 455 26.93 18.37 -10.58
C ILE A 455 25.91 17.27 -10.88
N TYR A 456 24.67 17.50 -10.45
CA TYR A 456 23.61 16.54 -10.67
C TYR A 456 22.41 17.22 -11.28
N PRO A 457 21.74 16.57 -12.24
CA PRO A 457 20.60 17.21 -12.91
C PRO A 457 19.36 17.33 -12.04
N THR A 458 18.34 18.00 -12.56
CA THR A 458 17.07 18.16 -11.88
C THR A 458 16.04 17.17 -12.43
N TYR A 459 14.89 17.12 -11.78
CA TYR A 459 13.82 16.25 -12.26
C TYR A 459 13.32 16.70 -13.63
N ASP A 460 13.24 18.02 -13.86
CA ASP A 460 12.76 18.53 -15.14
C ASP A 460 13.63 18.08 -16.29
N PHE A 461 14.91 17.81 -16.03
CA PHE A 461 15.83 17.35 -17.06
C PHE A 461 15.87 15.83 -17.18
N THR A 462 15.60 15.11 -16.10
CA THR A 462 15.85 13.68 -16.02
C THR A 462 14.67 12.84 -16.53
N HIS A 463 13.43 13.24 -16.22
CA HIS A 463 12.29 12.37 -16.46
C HIS A 463 12.12 12.04 -17.94
N CYS A 464 12.02 13.06 -18.79
CA CYS A 464 11.75 12.80 -20.20
C CYS A 464 12.92 12.12 -20.89
N LEU A 465 14.15 12.50 -20.54
CA LEU A 465 15.31 11.96 -21.24
C LEU A 465 15.54 10.49 -20.91
N VAL A 466 15.34 10.11 -19.64
CA VAL A 466 15.50 8.71 -19.28
C VAL A 466 14.35 7.88 -19.85
N ASP A 467 13.18 8.49 -20.03
CA ASP A 467 12.09 7.79 -20.71
C ASP A 467 12.44 7.50 -22.16
N SER A 468 13.09 8.45 -22.83
CA SER A 468 13.51 8.23 -24.22
C SER A 468 14.59 7.17 -24.31
N PHE A 469 15.52 7.15 -23.35
CA PHE A 469 16.58 6.13 -23.37
C PHE A 469 15.99 4.72 -23.30
N GLU A 470 14.97 4.53 -22.48
CA GLU A 470 14.39 3.22 -22.29
C GLU A 470 13.21 2.95 -23.20
N ASN A 471 13.00 3.81 -24.21
CA ASN A 471 11.97 3.62 -25.23
C ASN A 471 10.59 3.43 -24.60
N ILE A 472 10.27 4.31 -23.66
CA ILE A 472 8.99 4.24 -22.96
C ILE A 472 7.89 4.60 -23.96
N THR A 473 7.03 3.63 -24.28
CA THR A 473 5.92 3.90 -25.20
C THR A 473 4.85 4.74 -24.52
N HIS A 474 4.52 4.41 -23.27
CA HIS A 474 3.51 5.12 -22.49
C HIS A 474 4.15 5.52 -21.16
N SER A 475 4.37 6.81 -20.97
CA SER A 475 4.93 7.34 -19.73
C SER A 475 3.78 7.88 -18.90
N LEU A 476 3.32 7.09 -17.93
CA LEU A 476 2.10 7.39 -17.20
C LEU A 476 2.43 7.94 -15.81
N CYS A 477 1.90 9.13 -15.51
CA CYS A 477 2.08 9.76 -14.21
C CYS A 477 0.79 10.46 -13.81
N THR A 478 0.79 11.08 -12.64
CA THR A 478 -0.43 11.71 -12.14
C THR A 478 -0.60 13.11 -12.74
N THR A 479 -1.83 13.59 -12.70
CA THR A 479 -2.19 14.86 -13.34
C THR A 479 -1.53 16.05 -12.68
N GLU A 480 -0.78 15.81 -11.60
CA GLU A 480 -0.02 16.89 -10.97
C GLU A 480 1.01 17.50 -11.91
N PHE A 481 1.47 16.75 -12.91
CA PHE A 481 2.50 17.20 -13.83
C PHE A 481 1.95 17.44 -15.24
N VAL A 482 0.68 17.83 -15.35
CA VAL A 482 0.09 18.04 -16.67
C VAL A 482 0.68 19.28 -17.33
N LEU A 483 0.93 20.34 -16.54
CA LEU A 483 1.59 21.52 -17.10
C LEU A 483 3.04 21.24 -17.44
N SER A 484 3.66 20.30 -16.73
CA SER A 484 5.05 19.94 -16.99
C SER A 484 5.23 19.19 -18.29
N ARG A 485 4.14 18.74 -18.94
CA ARG A 485 4.29 18.02 -20.20
C ARG A 485 4.77 18.92 -21.32
N GLU A 486 4.57 20.24 -21.21
CA GLU A 486 5.09 21.15 -22.23
C GLU A 486 6.60 21.17 -22.20
N SER A 487 7.18 21.36 -21.01
CA SER A 487 8.64 21.30 -20.88
C SER A 487 9.16 19.89 -21.09
N TYR A 488 8.37 18.88 -20.73
CA TYR A 488 8.70 17.49 -21.05
C TYR A 488 8.92 17.33 -22.55
N GLU A 489 7.88 17.58 -23.34
CA GLU A 489 7.98 17.46 -24.79
C GLU A 489 8.96 18.48 -25.38
N TRP A 490 9.18 19.60 -24.70
CA TRP A 490 10.08 20.62 -25.25
C TRP A 490 11.53 20.13 -25.29
N LEU A 491 11.99 19.54 -24.18
CA LEU A 491 13.40 19.13 -24.10
C LEU A 491 13.73 18.05 -25.11
N CYS A 492 12.79 17.14 -25.39
CA CYS A 492 13.05 16.10 -26.39
C CYS A 492 13.07 16.68 -27.79
N ASP A 493 12.14 17.58 -28.10
CA ASP A 493 12.15 18.22 -29.41
C ASP A 493 13.34 19.16 -29.59
N ALA A 494 13.95 19.61 -28.49
CA ALA A 494 15.12 20.47 -28.59
C ALA A 494 16.41 19.70 -28.76
N LEU A 495 16.40 18.39 -28.55
CA LEU A 495 17.59 17.56 -28.63
C LEU A 495 17.51 16.51 -29.74
N HIS A 496 16.44 16.51 -30.52
CA HIS A 496 16.28 15.61 -31.67
C HIS A 496 16.28 14.14 -31.24
N VAL A 497 15.66 13.87 -30.10
CA VAL A 497 15.55 12.52 -29.58
C VAL A 497 14.10 12.07 -29.64
N TYR A 498 13.90 10.75 -29.52
CA TYR A 498 12.56 10.18 -29.48
C TYR A 498 11.77 10.82 -28.35
N ARG A 499 10.52 11.19 -28.64
CA ARG A 499 9.68 11.90 -27.67
C ARG A 499 8.62 10.97 -27.12
N PRO A 500 8.76 10.49 -25.89
CA PRO A 500 7.75 9.61 -25.31
C PRO A 500 6.45 10.36 -25.04
N ALA A 501 5.35 9.61 -25.04
CA ALA A 501 4.02 10.18 -24.85
C ALA A 501 3.67 10.15 -23.37
N GLN A 502 3.66 11.32 -22.74
CA GLN A 502 3.26 11.45 -21.34
C GLN A 502 1.76 11.72 -21.28
N ARG A 503 1.00 10.72 -20.82
CA ARG A 503 -0.44 10.85 -20.60
C ARG A 503 -0.69 10.73 -19.11
N GLU A 504 -1.44 11.69 -18.56
CA GLU A 504 -1.60 11.82 -17.11
C GLU A 504 -2.96 11.29 -16.66
N TYR A 505 -2.96 10.60 -15.52
CA TYR A 505 -4.18 10.11 -14.90
C TYR A 505 -4.36 10.77 -13.53
N GLY A 506 -5.58 10.73 -13.03
CA GLY A 506 -5.86 11.30 -11.73
C GLY A 506 -5.36 10.39 -10.61
N ARG A 507 -4.71 10.99 -9.62
CA ARG A 507 -4.18 10.23 -8.50
C ARG A 507 -5.33 9.73 -7.61
N LEU A 508 -4.98 8.83 -6.69
CA LEU A 508 -5.93 8.28 -5.73
C LEU A 508 -5.81 9.05 -4.43
N ASN A 509 -6.91 9.67 -4.00
CA ASN A 509 -6.96 10.43 -2.75
C ASN A 509 -7.99 9.82 -1.83
N LEU A 510 -7.53 9.22 -0.73
CA LEU A 510 -8.40 8.71 0.31
C LEU A 510 -8.73 9.82 1.30
N THR A 511 -10.01 9.98 1.61
CA THR A 511 -10.43 10.94 2.62
C THR A 511 -9.83 10.56 3.97
N GLY A 512 -9.60 11.58 4.80
CA GLY A 512 -9.09 11.33 6.13
C GLY A 512 -7.67 10.83 6.19
N THR A 513 -6.87 11.08 5.15
CA THR A 513 -5.47 10.69 5.12
C THR A 513 -4.60 11.93 5.05
N ILE A 514 -3.54 11.94 5.86
CA ILE A 514 -2.49 12.95 5.76
C ILE A 514 -1.33 12.32 5.01
N MET A 515 -0.82 13.05 4.01
CA MET A 515 0.27 12.56 3.19
C MET A 515 1.61 13.24 3.47
N SER A 516 1.60 14.30 4.28
CA SER A 516 2.83 14.98 4.68
C SER A 516 3.80 14.00 5.31
N LYS A 517 4.92 13.74 4.63
CA LYS A 517 5.90 12.79 5.15
C LYS A 517 6.48 13.26 6.48
N ARG A 518 6.64 14.57 6.65
CA ARG A 518 7.12 15.11 7.92
C ARG A 518 6.12 14.85 9.04
N LYS A 519 4.83 15.05 8.76
CA LYS A 519 3.80 14.81 9.79
C LYS A 519 3.80 13.36 10.24
N ILE A 520 3.78 12.42 9.30
CA ILE A 520 3.82 11.02 9.65
C ILE A 520 5.13 10.67 10.35
N ALA A 521 6.23 11.31 9.93
CA ALA A 521 7.50 11.12 10.62
C ALA A 521 7.37 11.50 12.09
N LYS A 522 6.71 12.63 12.38
CA LYS A 522 6.51 13.05 13.76
C LYS A 522 5.80 11.97 14.57
N LEU A 523 4.83 11.29 13.97
CA LEU A 523 4.10 10.25 14.69
C LEU A 523 5.00 9.09 15.06
N VAL A 524 5.81 8.60 14.10
CA VAL A 524 6.66 7.46 14.35
C VAL A 524 7.68 7.79 15.45
N ASN A 525 8.23 8.99 15.43
CA ASN A 525 9.29 9.34 16.37
C ASN A 525 8.74 9.49 17.79
N GLU A 526 7.62 10.19 17.95
CA GLU A 526 7.06 10.43 19.27
C GLU A 526 6.32 9.21 19.83
N GLY A 527 6.05 8.20 19.01
CA GLY A 527 5.49 6.96 19.49
C GLY A 527 4.00 6.77 19.30
N TYR A 528 3.32 7.70 18.60
CA TYR A 528 1.89 7.54 18.38
C TYR A 528 1.58 6.29 17.57
N VAL A 529 2.51 5.88 16.70
CA VAL A 529 2.47 4.59 16.04
C VAL A 529 3.81 3.90 16.27
N ARG A 530 3.84 2.59 16.07
CA ARG A 530 5.00 1.78 16.42
C ARG A 530 5.86 1.42 15.21
N GLY A 531 5.95 2.30 14.23
CA GLY A 531 6.80 2.10 13.07
C GLY A 531 6.11 2.58 11.81
N TRP A 532 6.92 2.72 10.75
CA TRP A 532 6.36 3.13 9.46
C TRP A 532 5.42 2.09 8.88
N ASP A 533 5.45 0.86 9.41
CA ASP A 533 4.57 -0.21 8.97
C ASP A 533 3.46 -0.49 9.97
N ASP A 534 3.11 0.51 10.78
CA ASP A 534 2.05 0.34 11.76
C ASP A 534 0.74 0.04 11.05
N PRO A 535 -0.01 -0.97 11.48
CA PRO A 535 -1.23 -1.36 10.75
C PRO A 535 -2.27 -0.26 10.64
N ARG A 536 -2.12 0.85 11.36
CA ARG A 536 -3.06 1.96 11.26
C ARG A 536 -2.73 2.94 10.15
N LEU A 537 -1.57 2.80 9.52
CA LEU A 537 -1.14 3.70 8.47
C LEU A 537 -1.59 3.19 7.10
N TYR A 538 -1.70 4.12 6.15
CA TYR A 538 -1.98 3.79 4.76
C TYR A 538 -0.72 3.77 3.92
N THR A 539 0.39 3.33 4.53
CA THR A 539 1.57 2.93 3.79
C THR A 539 1.43 1.46 3.39
N LEU A 540 2.14 1.09 2.34
CA LEU A 540 2.00 -0.27 1.82
C LEU A 540 2.48 -1.30 2.83
N GLU A 541 3.62 -1.04 3.47
CA GLU A 541 4.12 -1.96 4.49
C GLU A 541 3.12 -2.10 5.64
N GLY A 542 2.47 -0.99 6.01
CA GLY A 542 1.50 -1.04 7.10
C GLY A 542 0.23 -1.77 6.70
N ILE A 543 -0.28 -1.49 5.50
CA ILE A 543 -1.46 -2.20 5.00
C ILE A 543 -1.16 -3.69 4.87
N LYS A 544 0.06 -4.03 4.44
CA LYS A 544 0.46 -5.44 4.37
C LYS A 544 0.50 -6.06 5.76
N ARG A 545 1.04 -5.33 6.75
CA ARG A 545 1.11 -5.86 8.10
C ARG A 545 -0.27 -5.90 8.77
N ARG A 546 -1.16 -4.97 8.39
CA ARG A 546 -2.55 -5.03 8.87
C ARG A 546 -3.20 -6.34 8.50
N GLY A 547 -2.71 -7.01 7.45
CA GLY A 547 -3.27 -8.25 6.97
C GLY A 547 -4.08 -8.14 5.70
N VAL A 548 -4.07 -7.00 5.03
CA VAL A 548 -4.85 -6.84 3.80
C VAL A 548 -4.22 -7.67 2.69
N PRO A 549 -4.99 -8.48 1.96
CA PRO A 549 -4.40 -9.26 0.87
C PRO A 549 -4.13 -8.36 -0.34
N PRO A 550 -3.06 -8.62 -1.07
CA PRO A 550 -2.77 -7.77 -2.24
C PRO A 550 -3.90 -7.72 -3.26
N GLY A 551 -4.53 -8.86 -3.54
CA GLY A 551 -5.60 -8.88 -4.52
C GLY A 551 -6.77 -7.98 -4.16
N ALA A 552 -7.03 -7.80 -2.87
CA ALA A 552 -8.09 -6.88 -2.45
C ALA A 552 -7.77 -5.44 -2.84
N ILE A 553 -6.50 -5.05 -2.73
CA ILE A 553 -6.09 -3.71 -3.16
C ILE A 553 -6.34 -3.54 -4.65
N LEU A 554 -5.86 -4.49 -5.45
CA LEU A 554 -5.99 -4.40 -6.90
C LEU A 554 -7.46 -4.46 -7.32
N SER A 555 -8.22 -5.41 -6.75
CA SER A 555 -9.65 -5.47 -7.03
C SER A 555 -10.34 -4.15 -6.74
N PHE A 556 -9.87 -3.43 -5.72
CA PHE A 556 -10.45 -2.16 -5.31
C PHE A 556 -10.08 -1.04 -6.28
N ILE A 557 -8.82 -0.97 -6.72
CA ILE A 557 -8.42 0.05 -7.67
C ILE A 557 -9.09 -0.18 -9.01
N ASN A 558 -9.26 -1.44 -9.39
CA ASN A 558 -9.88 -1.76 -10.68
C ASN A 558 -11.33 -1.29 -10.72
N THR A 559 -12.10 -1.58 -9.67
CA THR A 559 -13.50 -1.17 -9.64
C THR A 559 -13.64 0.35 -9.58
N LEU A 560 -12.62 1.07 -9.11
CA LEU A 560 -12.67 2.53 -9.15
C LEU A 560 -12.44 3.06 -10.56
N GLY A 561 -11.65 2.35 -11.36
CA GLY A 561 -11.32 2.81 -12.70
C GLY A 561 -10.23 3.86 -12.68
N VAL A 562 -9.80 4.23 -13.89
CA VAL A 562 -8.75 5.23 -14.07
C VAL A 562 -9.25 6.25 -15.10
N THR A 563 -9.41 7.50 -14.66
CA THR A 563 -9.74 8.62 -15.52
C THR A 563 -8.79 9.78 -15.22
N THR A 564 -8.96 10.87 -15.96
CA THR A 564 -8.18 12.08 -15.67
C THR A 564 -8.66 12.78 -14.41
N SER A 565 -9.84 12.44 -13.91
CA SER A 565 -10.39 13.08 -12.72
C SER A 565 -9.79 12.45 -11.46
N THR A 566 -9.32 13.29 -10.55
CA THR A 566 -8.81 12.82 -9.27
C THR A 566 -9.96 12.39 -8.39
N THR A 567 -9.79 11.25 -7.72
CA THR A 567 -10.87 10.64 -6.95
C THR A 567 -11.11 11.42 -5.65
N ASN A 568 -11.90 10.80 -4.77
CA ASN A 568 -12.16 11.29 -3.42
C ASN A 568 -12.96 10.21 -2.71
N ILE A 569 -12.28 9.13 -2.30
CA ILE A 569 -12.94 7.90 -1.87
C ILE A 569 -12.84 7.78 -0.36
N GLN A 570 -13.97 7.50 0.28
CA GLN A 570 -13.99 7.29 1.72
C GLN A 570 -13.28 6.00 2.10
N THR A 571 -12.54 6.02 3.20
CA THR A 571 -11.85 4.82 3.67
C THR A 571 -12.83 3.70 4.01
N VAL A 572 -14.11 4.02 4.23
CA VAL A 572 -15.10 2.98 4.51
C VAL A 572 -15.30 2.11 3.26
N ARG A 573 -15.17 2.70 2.06
CA ARG A 573 -15.28 1.89 0.85
C ARG A 573 -14.07 1.01 0.65
N PHE A 574 -12.91 1.41 1.17
CA PHE A 574 -11.73 0.55 1.11
C PHE A 574 -11.87 -0.63 2.05
N GLU A 575 -12.40 -0.39 3.26
CA GLU A 575 -12.60 -1.49 4.20
C GLU A 575 -13.70 -2.42 3.74
N SER A 576 -14.71 -1.91 3.03
CA SER A 576 -15.74 -2.78 2.49
C SER A 576 -15.18 -3.71 1.41
N ALA A 577 -14.24 -3.22 0.61
CA ALA A 577 -13.61 -4.06 -0.41
C ALA A 577 -12.79 -5.17 0.24
N VAL A 578 -11.99 -4.82 1.26
CA VAL A 578 -11.18 -5.81 1.95
C VAL A 578 -12.07 -6.81 2.68
N ARG A 579 -13.17 -6.33 3.27
CA ARG A 579 -14.10 -7.23 3.96
C ARG A 579 -14.71 -8.23 2.98
N ASN A 580 -15.23 -7.75 1.85
CA ASN A 580 -15.85 -8.65 0.89
C ASN A 580 -14.84 -9.61 0.27
N TYR A 581 -13.57 -9.21 0.22
CA TYR A 581 -12.54 -10.10 -0.32
C TYR A 581 -12.23 -11.22 0.67
N LEU A 582 -12.07 -10.89 1.95
CA LEU A 582 -11.76 -11.90 2.95
C LEU A 582 -12.93 -12.84 3.20
N ASP A 583 -14.16 -12.34 3.02
CA ASP A 583 -15.34 -13.18 3.15
C ASP A 583 -15.25 -14.42 2.27
N GLN A 584 -14.58 -14.30 1.12
CA GLN A 584 -14.52 -15.38 0.14
C GLN A 584 -13.25 -16.22 0.23
N THR A 585 -12.18 -15.72 0.88
CA THR A 585 -10.87 -16.33 0.74
C THR A 585 -10.24 -16.77 2.07
N THR A 586 -10.99 -16.75 3.16
CA THR A 586 -10.39 -17.10 4.45
C THR A 586 -11.20 -18.17 5.16
N PRO A 587 -10.53 -19.06 5.89
CA PRO A 587 -11.27 -20.05 6.69
C PRO A 587 -11.83 -19.42 7.95
N ARG A 588 -12.87 -20.05 8.47
CA ARG A 588 -13.52 -19.60 9.70
C ARG A 588 -13.00 -20.40 10.89
N LEU A 589 -12.57 -19.69 11.92
CA LEU A 589 -12.10 -20.29 13.16
C LEU A 589 -12.92 -19.76 14.34
N MET A 590 -12.82 -20.46 15.46
CA MET A 590 -13.47 -20.06 16.69
C MET A 590 -12.45 -19.41 17.59
N MET A 591 -12.68 -18.16 17.95
CA MET A 591 -11.83 -17.42 18.85
C MET A 591 -12.70 -16.73 19.89
N VAL A 592 -12.23 -16.69 21.13
CA VAL A 592 -12.91 -16.01 22.21
C VAL A 592 -12.01 -14.89 22.69
N LEU A 593 -12.49 -13.66 22.57
CA LEU A 593 -11.67 -12.51 22.93
C LEU A 593 -11.64 -12.27 24.44
N HIS A 594 -12.80 -12.40 25.10
CA HIS A 594 -12.92 -12.20 26.54
C HIS A 594 -13.44 -13.49 27.18
N PRO A 595 -12.57 -14.49 27.30
CA PRO A 595 -13.05 -15.82 27.71
C PRO A 595 -13.51 -15.88 29.15
N ILE A 596 -14.46 -16.77 29.39
CA ILE A 596 -14.85 -17.19 30.73
C ILE A 596 -14.90 -18.72 30.73
N GLU A 597 -14.38 -19.33 31.79
CA GLU A 597 -14.34 -20.77 31.86
C GLU A 597 -15.73 -21.32 32.17
N VAL A 598 -16.11 -22.39 31.46
CA VAL A 598 -17.37 -23.08 31.65
C VAL A 598 -17.11 -24.47 32.19
N VAL A 599 -17.87 -24.86 33.21
CA VAL A 599 -17.83 -26.21 33.75
C VAL A 599 -19.22 -26.81 33.53
N ILE A 600 -19.28 -27.84 32.69
CA ILE A 600 -20.54 -28.55 32.45
C ILE A 600 -20.66 -29.60 33.54
N ASP A 601 -21.53 -29.34 34.52
CA ASP A 601 -21.56 -30.15 35.73
C ASP A 601 -21.95 -31.60 35.44
N ASN A 602 -22.97 -31.79 34.61
CA ASN A 602 -23.51 -33.13 34.39
C ASN A 602 -22.68 -33.99 33.45
N LEU A 603 -21.53 -33.51 33.00
CA LEU A 603 -20.65 -34.30 32.15
C LEU A 603 -19.51 -34.90 32.96
N ASP A 604 -19.12 -36.12 32.59
CA ASP A 604 -18.01 -36.80 33.24
C ASP A 604 -16.68 -36.30 32.69
N GLU A 605 -15.61 -36.49 33.48
CA GLU A 605 -14.29 -36.02 33.06
C GLU A 605 -13.80 -36.78 31.83
N SER A 606 -14.12 -38.07 31.74
CA SER A 606 -13.74 -38.89 30.59
C SER A 606 -14.66 -38.68 29.39
N PHE A 607 -15.68 -37.83 29.51
CA PHE A 607 -16.58 -37.58 28.39
C PHE A 607 -15.86 -36.87 27.26
N SER A 608 -16.15 -37.28 26.03
CA SER A 608 -15.53 -36.70 24.85
C SER A 608 -16.46 -36.89 23.67
N LEU A 609 -16.86 -35.80 23.04
CA LEU A 609 -17.70 -35.83 21.85
C LEU A 609 -16.97 -35.08 20.74
N ASP A 610 -16.44 -35.83 19.78
CA ASP A 610 -15.75 -35.21 18.65
C ASP A 610 -16.77 -34.56 17.72
N VAL A 611 -16.56 -33.28 17.43
CA VAL A 611 -17.43 -32.50 16.57
C VAL A 611 -16.63 -32.06 15.35
N GLU A 612 -17.09 -32.45 14.17
CA GLU A 612 -16.41 -32.15 12.93
C GLU A 612 -16.98 -30.88 12.32
N ILE A 613 -16.11 -29.93 12.00
CA ILE A 613 -16.53 -28.62 11.51
C ILE A 613 -15.82 -28.30 10.20
N PRO A 614 -16.51 -27.82 9.19
CA PRO A 614 -15.84 -27.41 7.96
C PRO A 614 -15.19 -26.04 8.10
N TYR A 615 -14.08 -25.86 7.39
CA TYR A 615 -13.35 -24.60 7.44
C TYR A 615 -14.13 -23.46 6.79
N LYS A 616 -14.89 -23.75 5.74
CA LYS A 616 -15.74 -22.74 5.11
C LYS A 616 -17.09 -23.37 4.81
N PRO A 617 -18.04 -23.24 5.73
CA PRO A 617 -19.40 -23.75 5.46
C PRO A 617 -20.03 -22.98 4.31
N GLY A 618 -20.56 -23.72 3.34
CA GLY A 618 -21.18 -23.11 2.19
C GLY A 618 -21.07 -24.04 0.99
N LYS A 619 -21.00 -23.41 -0.18
CA LYS A 619 -20.98 -24.17 -1.44
C LYS A 619 -19.66 -24.89 -1.67
N ASP A 620 -18.57 -24.43 -1.07
CA ASP A 620 -17.27 -25.08 -1.27
C ASP A 620 -16.73 -25.61 0.05
N GLU A 621 -17.51 -26.45 0.73
CA GLU A 621 -17.06 -27.03 2.01
C GLU A 621 -15.87 -27.94 1.81
N LYS A 622 -16.01 -28.94 0.94
CA LYS A 622 -14.99 -29.98 0.77
C LYS A 622 -13.69 -29.47 0.17
N SER A 623 -13.60 -28.18 -0.18
CA SER A 623 -12.39 -27.65 -0.79
C SER A 623 -11.34 -27.26 0.25
N MET A 624 -11.75 -26.61 1.34
CA MET A 624 -10.82 -26.21 2.38
C MET A 624 -10.58 -27.29 3.42
N GLY A 625 -11.46 -28.29 3.51
CA GLY A 625 -11.29 -29.38 4.45
C GLY A 625 -12.13 -29.20 5.70
N TYR A 626 -11.99 -30.18 6.60
CA TYR A 626 -12.69 -30.20 7.87
C TYR A 626 -11.68 -30.27 9.01
N ARG A 627 -12.19 -30.04 10.22
CA ARG A 627 -11.39 -30.15 11.43
C ARG A 627 -12.27 -30.71 12.54
N LYS A 628 -11.62 -31.24 13.57
CA LYS A 628 -12.31 -31.83 14.71
C LYS A 628 -11.96 -31.06 15.97
N LEU A 629 -12.98 -30.71 16.74
CA LEU A 629 -12.82 -30.18 18.08
C LEU A 629 -13.49 -31.13 19.06
N THR A 630 -12.84 -31.35 20.19
CA THR A 630 -13.37 -32.24 21.22
C THR A 630 -14.19 -31.44 22.20
N PHE A 631 -15.48 -31.73 22.27
CA PHE A 631 -16.37 -31.11 23.24
C PHE A 631 -16.40 -31.95 24.50
N SER A 632 -16.20 -31.32 25.65
CA SER A 632 -16.03 -32.06 26.88
C SER A 632 -16.52 -31.22 28.06
N LYS A 633 -16.07 -31.57 29.27
CA LYS A 633 -16.55 -30.95 30.48
C LYS A 633 -16.06 -29.51 30.64
N HIS A 634 -14.90 -29.19 30.05
CA HIS A 634 -14.24 -27.91 30.27
C HIS A 634 -14.07 -27.18 28.95
N ILE A 635 -14.74 -26.04 28.80
CA ILE A 635 -14.65 -25.21 27.61
C ILE A 635 -14.58 -23.75 28.03
N TYR A 636 -14.27 -22.89 27.06
CA TYR A 636 -14.33 -21.44 27.21
C TYR A 636 -15.43 -20.90 26.30
N ILE A 637 -16.13 -19.88 26.76
CA ILE A 637 -16.97 -19.03 25.93
C ILE A 637 -16.67 -17.58 26.27
N ASP A 638 -17.38 -16.66 25.63
CA ASP A 638 -17.14 -15.24 25.83
C ASP A 638 -17.93 -14.72 27.02
N GLU A 639 -17.29 -13.83 27.79
CA GLU A 639 -17.95 -13.19 28.94
C GLU A 639 -19.27 -12.56 28.54
N ASN A 640 -19.31 -11.93 27.37
CA ASN A 640 -20.49 -11.20 26.90
C ASN A 640 -21.57 -12.12 26.35
N ASP A 641 -21.35 -13.43 26.34
CA ASP A 641 -22.35 -14.38 25.91
C ASP A 641 -23.05 -15.07 27.06
N VAL A 642 -22.78 -14.66 28.30
CA VAL A 642 -23.42 -15.22 29.48
C VAL A 642 -23.67 -14.10 30.48
N ARG A 643 -24.88 -14.03 31.01
CA ARG A 643 -25.24 -13.05 32.03
C ARG A 643 -25.94 -13.76 33.17
N ALA A 644 -25.67 -13.30 34.40
CA ALA A 644 -26.22 -13.96 35.57
C ALA A 644 -27.65 -13.56 35.87
N GLU A 645 -28.19 -12.55 35.21
CA GLU A 645 -29.56 -12.10 35.38
C GLU A 645 -30.41 -12.48 34.16
N PRO A 646 -31.73 -12.55 34.32
CA PRO A 646 -32.58 -12.95 33.19
C PRO A 646 -32.45 -12.02 32.00
N ALA A 647 -32.63 -12.57 30.81
CA ALA A 647 -32.37 -11.87 29.56
C ALA A 647 -33.48 -10.87 29.25
N ASP A 648 -33.20 -10.01 28.28
CA ASP A 648 -34.15 -9.04 27.75
C ASP A 648 -34.32 -9.26 26.25
N LYS A 649 -35.15 -8.41 25.64
CA LYS A 649 -35.52 -8.59 24.24
C LYS A 649 -34.34 -8.47 23.28
N GLU A 650 -33.18 -7.99 23.73
CA GLU A 650 -32.03 -7.81 22.87
C GLU A 650 -30.92 -8.82 23.13
N PHE A 651 -31.07 -9.69 24.13
CA PHE A 651 -30.03 -10.65 24.51
C PHE A 651 -30.51 -12.06 24.19
N TYR A 652 -29.84 -12.71 23.23
CA TYR A 652 -30.25 -14.01 22.74
C TYR A 652 -29.35 -15.14 23.21
N ARG A 653 -28.42 -14.87 24.13
CA ARG A 653 -27.38 -15.81 24.48
C ARG A 653 -27.64 -16.41 25.87
N LEU A 654 -26.59 -16.95 26.49
CA LEU A 654 -26.77 -17.75 27.70
C LEU A 654 -27.25 -16.89 28.87
N ALA A 655 -28.29 -17.37 29.55
CA ALA A 655 -28.86 -16.69 30.70
C ALA A 655 -29.72 -17.68 31.47
N PRO A 656 -30.00 -17.40 32.75
CA PRO A 656 -30.96 -18.22 33.48
C PRO A 656 -32.29 -18.30 32.74
N GLY A 657 -32.85 -19.50 32.65
CA GLY A 657 -34.07 -19.72 31.92
C GLY A 657 -33.96 -19.60 30.41
N GLN A 658 -32.77 -19.32 29.88
CA GLN A 658 -32.58 -19.19 28.44
C GLN A 658 -31.29 -19.92 28.04
N PRO A 659 -31.39 -21.16 27.59
CA PRO A 659 -30.20 -21.87 27.12
C PRO A 659 -29.66 -21.28 25.83
N VAL A 660 -28.37 -21.51 25.60
CA VAL A 660 -27.70 -21.07 24.39
C VAL A 660 -27.15 -22.30 23.67
N GLY A 661 -27.10 -22.20 22.35
CA GLY A 661 -26.52 -23.25 21.54
C GLY A 661 -25.03 -23.05 21.35
N LEU A 662 -24.31 -24.16 21.26
CA LEU A 662 -22.89 -24.16 20.95
C LEU A 662 -22.70 -24.61 19.52
N MET A 663 -21.89 -23.87 18.76
CA MET A 663 -21.75 -24.11 17.34
C MET A 663 -21.36 -25.56 17.05
N ARG A 664 -22.15 -26.20 16.19
CA ARG A 664 -21.92 -27.57 15.73
C ARG A 664 -22.01 -28.59 16.85
N VAL A 665 -22.63 -28.22 17.96
CA VAL A 665 -22.87 -29.12 19.09
C VAL A 665 -24.35 -29.49 19.10
N PRO A 666 -24.71 -30.77 19.23
CA PRO A 666 -26.13 -31.16 19.10
C PRO A 666 -27.09 -30.44 20.03
N PHE A 667 -26.81 -30.39 21.33
CA PHE A 667 -27.78 -29.88 22.29
C PHE A 667 -27.24 -28.64 22.99
N ASN A 668 -28.15 -27.86 23.57
CA ASN A 668 -27.84 -26.60 24.19
C ASN A 668 -27.22 -26.79 25.58
N ILE A 669 -26.70 -25.69 26.13
CA ILE A 669 -26.26 -25.63 27.52
C ILE A 669 -27.17 -24.67 28.26
N SER A 670 -27.56 -25.04 29.47
CA SER A 670 -28.45 -24.23 30.29
C SER A 670 -27.72 -23.71 31.52
N PHE A 671 -28.08 -22.51 31.96
CA PHE A 671 -27.38 -21.84 33.04
C PHE A 671 -27.71 -22.47 34.39
N LYS A 672 -26.70 -22.58 35.25
CA LYS A 672 -26.87 -23.10 36.61
C LYS A 672 -26.44 -22.08 37.65
N SER A 673 -25.17 -21.70 37.69
CA SER A 673 -24.68 -20.75 38.69
C SER A 673 -23.33 -20.23 38.24
N ILE A 674 -22.87 -19.17 38.90
CA ILE A 674 -21.58 -18.55 38.64
C ILE A 674 -20.74 -18.65 39.91
N GLU A 675 -19.61 -19.35 39.81
CA GLU A 675 -18.69 -19.52 40.92
C GLU A 675 -17.56 -18.51 40.83
N GLU A 676 -17.22 -17.90 41.97
CA GLU A 676 -16.06 -17.02 42.06
C GLU A 676 -14.85 -17.84 42.48
N LYS A 677 -13.81 -17.84 41.65
CA LYS A 677 -12.64 -18.67 41.91
C LYS A 677 -11.39 -17.97 41.36
N ASP A 678 -10.44 -17.71 42.23
CA ASP A 678 -9.13 -17.18 41.84
C ASP A 678 -9.26 -15.83 41.12
N GLY A 679 -10.24 -15.03 41.53
CA GLY A 679 -10.50 -13.75 40.90
C GLY A 679 -11.36 -13.86 39.66
N LYS A 680 -11.19 -14.94 38.90
CA LYS A 680 -11.98 -15.15 37.71
C LYS A 680 -13.36 -15.68 38.06
N LYS A 681 -14.27 -15.55 37.10
CA LYS A 681 -15.61 -16.12 37.24
C LYS A 681 -15.70 -17.40 36.42
N ILE A 682 -16.42 -18.38 36.95
CA ILE A 682 -16.62 -19.67 36.31
C ILE A 682 -18.11 -19.95 36.26
N VAL A 683 -18.65 -20.16 35.07
CA VAL A 683 -20.07 -20.41 34.88
C VAL A 683 -20.29 -21.92 34.83
N HIS A 684 -21.16 -22.41 35.71
CA HIS A 684 -21.56 -23.81 35.71
C HIS A 684 -22.80 -23.98 34.87
N VAL A 685 -22.80 -24.98 33.99
CA VAL A 685 -23.93 -25.23 33.10
C VAL A 685 -24.28 -26.71 33.11
N ASN A 686 -25.46 -27.02 32.57
CA ASN A 686 -25.85 -28.36 32.19
C ASN A 686 -25.80 -28.49 30.67
N TYR A 687 -25.45 -29.67 30.19
CA TYR A 687 -25.59 -30.00 28.77
C TYR A 687 -26.94 -30.67 28.58
N ASP A 688 -27.89 -29.95 27.97
CA ASP A 688 -29.27 -30.43 27.89
C ASP A 688 -29.42 -31.57 26.90
N GLU A 689 -28.73 -32.68 27.14
CA GLU A 689 -28.71 -33.80 26.19
C GLU A 689 -30.09 -34.43 26.06
N GLY A 690 -30.42 -34.85 24.84
CA GLY A 690 -31.62 -35.61 24.56
C GLY A 690 -32.88 -34.79 24.40
N VAL A 691 -32.82 -33.47 24.52
CA VAL A 691 -33.98 -32.59 24.47
C VAL A 691 -33.83 -31.70 23.24
N LYS A 692 -34.70 -31.89 22.26
CA LYS A 692 -34.73 -31.04 21.08
C LYS A 692 -35.43 -29.73 21.44
N ALA A 693 -34.66 -28.65 21.50
CA ALA A 693 -35.21 -27.31 21.71
C ALA A 693 -34.34 -26.32 20.96
N LYS A 694 -34.94 -25.56 20.07
CA LYS A 694 -34.17 -24.62 19.27
C LYS A 694 -33.70 -23.47 20.15
N PRO A 695 -32.40 -23.17 20.16
CA PRO A 695 -31.92 -21.98 20.89
C PRO A 695 -32.16 -20.72 20.09
N LYS A 696 -31.93 -19.59 20.75
CA LYS A 696 -32.09 -18.31 20.07
C LYS A 696 -30.84 -17.90 19.31
N THR A 697 -29.69 -18.49 19.64
CA THR A 697 -28.45 -18.25 18.91
C THR A 697 -27.46 -19.36 19.23
N TYR A 698 -26.41 -19.43 18.42
CA TYR A 698 -25.31 -20.36 18.61
C TYR A 698 -24.03 -19.54 18.78
N ILE A 699 -23.33 -19.74 19.89
CA ILE A 699 -22.10 -18.99 20.17
C ILE A 699 -20.90 -19.90 19.98
N GLN A 700 -19.72 -19.29 19.87
CA GLN A 700 -18.49 -20.02 19.67
C GLN A 700 -17.90 -20.48 21.00
N TRP A 701 -17.07 -21.52 20.93
CA TRP A 701 -16.52 -22.13 22.14
C TRP A 701 -15.18 -22.78 21.83
N ILE A 702 -14.36 -22.94 22.86
CA ILE A 702 -13.01 -23.48 22.74
C ILE A 702 -12.81 -24.59 23.76
N PRO A 703 -12.24 -25.73 23.38
CA PRO A 703 -11.85 -26.73 24.39
C PRO A 703 -10.73 -26.19 25.27
N LYS A 704 -10.93 -26.28 26.59
CA LYS A 704 -9.97 -25.66 27.51
C LYS A 704 -8.62 -26.37 27.46
N ASP A 705 -8.63 -27.70 27.42
CA ASP A 705 -7.39 -28.46 27.54
C ASP A 705 -6.42 -28.16 26.39
N THR A 706 -6.93 -27.91 25.19
CA THR A 706 -6.08 -27.69 24.03
C THR A 706 -6.21 -26.27 23.48
N ALA A 707 -6.73 -25.34 24.27
CA ALA A 707 -6.85 -23.96 23.82
C ALA A 707 -5.48 -23.33 23.65
N VAL A 708 -5.32 -22.56 22.58
CA VAL A 708 -4.10 -21.80 22.34
C VAL A 708 -4.27 -20.42 22.99
N HIS A 709 -3.34 -20.06 23.86
CA HIS A 709 -3.40 -18.79 24.57
C HIS A 709 -2.62 -17.73 23.79
N ILE A 710 -3.27 -16.62 23.50
CA ILE A 710 -2.72 -15.56 22.66
C ILE A 710 -2.11 -14.48 23.54
N LYS A 711 -0.85 -14.15 23.26
CA LYS A 711 -0.15 -13.12 24.04
C LYS A 711 -0.83 -11.77 23.90
N GLU A 712 -1.06 -11.32 22.66
CA GLU A 712 -1.70 -10.05 22.39
C GLU A 712 -2.60 -10.17 21.17
N VAL A 713 -3.77 -9.53 21.24
CA VAL A 713 -4.64 -9.30 20.09
C VAL A 713 -4.86 -7.81 19.98
N ARG A 714 -4.51 -7.23 18.84
CA ARG A 714 -4.53 -5.78 18.65
C ARG A 714 -5.73 -5.44 17.76
N ILE A 715 -6.70 -4.73 18.34
CA ILE A 715 -7.90 -4.32 17.63
C ILE A 715 -7.67 -2.91 17.10
N TYR A 716 -7.59 -2.78 15.78
CA TYR A 716 -7.25 -1.52 15.15
C TYR A 716 -8.50 -0.82 14.62
N ASN A 717 -8.53 0.51 14.77
CA ASN A 717 -9.55 1.39 14.23
C ASN A 717 -8.85 2.54 13.52
N GLN A 718 -9.64 3.48 13.01
CA GLN A 718 -9.06 4.63 12.32
C GLN A 718 -8.13 5.39 13.25
N LEU A 719 -6.99 5.83 12.71
CA LEU A 719 -5.99 6.49 13.53
C LEU A 719 -6.46 7.87 13.98
N PHE A 720 -7.29 8.54 13.18
CA PHE A 720 -7.78 9.87 13.50
C PHE A 720 -9.30 9.83 13.65
N LYS A 721 -9.80 10.73 14.51
CA LYS A 721 -11.24 10.78 14.77
C LYS A 721 -12.01 11.37 13.61
N SER A 722 -11.42 12.32 12.88
CA SER A 722 -12.10 13.07 11.85
C SER A 722 -11.61 12.64 10.46
N GLU A 723 -12.25 13.20 9.44
CA GLU A 723 -11.84 13.00 8.06
C GLU A 723 -10.94 14.11 7.54
N ASN A 724 -10.63 15.11 8.37
CA ASN A 724 -9.72 16.20 7.99
C ASN A 724 -8.89 16.57 9.21
N PRO A 725 -7.93 15.72 9.58
CA PRO A 725 -7.17 15.96 10.82
C PRO A 725 -6.37 17.25 10.80
N SER A 726 -5.78 17.60 9.65
CA SER A 726 -4.99 18.83 9.58
C SER A 726 -5.83 20.08 9.79
N ALA A 727 -7.15 19.96 9.68
CA ALA A 727 -8.06 21.07 9.92
C ALA A 727 -8.55 21.12 11.36
N HIS A 728 -8.01 20.29 12.24
CA HIS A 728 -8.41 20.36 13.64
C HIS A 728 -7.92 21.69 14.23
N PRO A 729 -8.74 22.37 15.02
CA PRO A 729 -8.33 23.69 15.54
C PRO A 729 -7.07 23.66 16.38
N GLU A 730 -6.73 22.51 16.98
CA GLU A 730 -5.57 22.39 17.85
C GLU A 730 -4.45 21.56 17.23
N GLY A 731 -4.56 21.22 15.94
CA GLY A 731 -3.53 20.45 15.29
C GLY A 731 -3.93 19.00 15.11
N TYR A 732 -3.29 18.35 14.13
CA TYR A 732 -3.64 16.97 13.80
C TYR A 732 -3.25 16.01 14.92
N LEU A 733 -2.25 16.37 15.73
CA LEU A 733 -1.90 15.53 16.87
C LEU A 733 -3.04 15.46 17.87
N LYS A 734 -3.77 16.56 18.04
CA LYS A 734 -4.91 16.62 18.94
C LYS A 734 -6.16 15.96 18.34
N ASP A 735 -6.03 15.30 17.20
CA ASP A 735 -7.13 14.57 16.59
C ASP A 735 -6.85 13.07 16.54
N ILE A 736 -5.82 12.60 17.22
CA ILE A 736 -5.55 11.16 17.30
C ILE A 736 -6.69 10.46 18.02
N ASN A 737 -7.09 9.30 17.50
CA ASN A 737 -8.08 8.46 18.15
C ASN A 737 -7.41 7.65 19.24
N PRO A 738 -7.69 7.94 20.51
CA PRO A 738 -7.03 7.18 21.59
C PRO A 738 -7.34 5.70 21.57
N ASP A 739 -8.51 5.33 21.04
CA ASP A 739 -8.94 3.94 20.94
C ASP A 739 -8.57 3.31 19.60
N SER A 740 -7.60 3.87 18.88
CA SER A 740 -7.21 3.32 17.59
C SER A 740 -6.50 1.99 17.74
N GLU A 741 -5.96 1.68 18.91
CA GLU A 741 -5.36 0.38 19.18
C GLU A 741 -5.78 -0.08 20.56
N GLU A 742 -6.48 -1.21 20.62
CA GLU A 742 -6.83 -1.87 21.87
C GLU A 742 -6.13 -3.21 21.91
N VAL A 743 -5.37 -3.46 22.96
CA VAL A 743 -4.58 -4.69 23.08
C VAL A 743 -5.28 -5.60 24.09
N LEU A 744 -5.78 -6.73 23.60
CA LEU A 744 -6.44 -7.72 24.44
C LEU A 744 -5.43 -8.77 24.89
N ARG A 745 -5.33 -8.98 26.20
CA ARG A 745 -4.25 -9.76 26.79
C ARG A 745 -4.63 -11.19 27.15
N ASN A 746 -5.92 -11.54 27.08
CA ASN A 746 -6.38 -12.82 27.63
C ASN A 746 -7.14 -13.67 26.62
N ALA A 747 -7.05 -13.35 25.33
CA ALA A 747 -7.81 -14.08 24.33
C ALA A 747 -7.30 -15.52 24.18
N VAL A 748 -8.20 -16.39 23.68
CA VAL A 748 -7.89 -17.78 23.37
C VAL A 748 -8.53 -18.15 22.03
N VAL A 749 -7.95 -19.16 21.39
CA VAL A 749 -8.38 -19.63 20.08
C VAL A 749 -8.21 -21.14 20.03
N GLU A 750 -8.98 -21.78 19.15
CA GLU A 750 -8.95 -23.25 19.08
C GLU A 750 -7.61 -23.75 18.58
N GLU A 751 -7.31 -25.00 18.94
CA GLU A 751 -6.02 -25.61 18.62
C GLU A 751 -5.75 -25.63 17.12
N ASN A 752 -6.79 -25.76 16.31
CA ASN A 752 -6.63 -25.93 14.87
C ASN A 752 -6.10 -24.69 14.16
N LEU A 753 -5.79 -23.61 14.88
CA LEU A 753 -5.04 -22.53 14.24
C LEU A 753 -3.66 -22.99 13.82
N LYS A 754 -3.07 -23.92 14.59
CA LYS A 754 -1.81 -24.53 14.16
C LYS A 754 -1.93 -25.14 12.77
N ASP A 755 -3.12 -25.63 12.41
CA ASP A 755 -3.33 -26.22 11.09
C ASP A 755 -3.39 -25.14 10.01
N ILE A 756 -3.95 -23.98 10.33
CA ILE A 756 -4.00 -22.87 9.38
C ILE A 756 -2.61 -22.32 9.09
N VAL A 757 -1.73 -22.30 10.10
CA VAL A 757 -0.36 -21.85 9.88
C VAL A 757 0.37 -22.80 8.93
N ALA A 758 0.12 -24.10 9.08
CA ALA A 758 0.81 -25.09 8.24
C ALA A 758 0.36 -25.00 6.80
N LYS A 759 -0.93 -24.77 6.56
CA LYS A 759 -1.45 -24.61 5.21
C LYS A 759 -1.15 -23.24 4.63
N SER A 760 -0.77 -22.27 5.46
CA SER A 760 -0.45 -20.93 4.98
C SER A 760 0.97 -20.91 4.41
N PRO A 761 1.21 -20.16 3.32
CA PRO A 761 0.26 -19.34 2.57
C PRO A 761 -0.79 -20.15 1.83
N MET A 762 -2.04 -19.76 2.00
CA MET A 762 -3.16 -20.58 1.55
C MET A 762 -3.58 -20.25 0.11
N ASN A 763 -3.71 -18.96 -0.20
CA ASN A 763 -3.93 -18.49 -1.57
C ASN A 763 -5.19 -19.10 -2.19
N ILE A 764 -6.30 -19.04 -1.46
CA ILE A 764 -7.58 -19.43 -2.03
C ILE A 764 -7.99 -18.39 -3.06
N GLU A 765 -8.55 -18.85 -4.17
CA GLU A 765 -8.87 -17.98 -5.29
C GLU A 765 -10.36 -17.68 -5.36
N ILE A 766 -10.69 -16.50 -5.86
CA ILE A 766 -12.08 -16.10 -6.11
C ILE A 766 -12.40 -16.50 -7.55
N PRO A 767 -13.34 -17.42 -7.77
CA PRO A 767 -13.56 -17.95 -9.12
C PRO A 767 -13.90 -16.86 -10.12
N GLY A 768 -13.25 -16.91 -11.28
CA GLY A 768 -13.47 -15.95 -12.34
C GLY A 768 -12.83 -14.59 -12.13
N SER A 769 -12.22 -14.35 -10.98
CA SER A 769 -11.56 -13.07 -10.73
C SER A 769 -10.15 -13.08 -11.32
N ALA A 770 -9.73 -11.94 -11.83
CA ALA A 770 -8.38 -11.78 -12.34
C ALA A 770 -7.39 -11.34 -11.28
N PHE A 771 -7.84 -11.18 -10.03
CA PHE A 771 -6.98 -10.67 -8.98
C PHE A 771 -6.78 -11.72 -7.89
N ASN A 772 -6.32 -12.91 -8.27
CA ASN A 772 -5.98 -13.95 -7.31
C ASN A 772 -4.45 -14.00 -7.22
N ILE A 773 -3.90 -13.11 -6.40
CA ILE A 773 -2.46 -13.01 -6.26
C ILE A 773 -1.98 -14.04 -5.25
N LYS A 774 -0.96 -14.81 -5.63
CA LYS A 774 -0.32 -15.73 -4.70
C LYS A 774 0.73 -15.00 -3.88
N GLU A 775 0.74 -15.25 -2.58
CA GLU A 775 1.66 -14.61 -1.65
C GLU A 775 2.76 -15.57 -1.22
N ASN A 776 3.80 -15.00 -0.63
CA ASN A 776 4.88 -15.78 -0.03
C ASN A 776 4.59 -16.08 1.43
N LYS A 777 5.49 -16.85 2.04
CA LYS A 777 5.40 -17.12 3.46
C LYS A 777 5.46 -15.81 4.26
N GLY A 778 4.96 -15.87 5.49
CA GLY A 778 4.93 -14.69 6.33
C GLY A 778 3.72 -14.70 7.24
N ASN A 779 3.86 -14.13 8.43
CA ASN A 779 2.76 -14.12 9.39
C ASN A 779 1.54 -13.39 8.83
N ASN A 780 1.74 -12.43 7.93
CA ASN A 780 0.62 -11.66 7.42
C ASN A 780 -0.35 -12.53 6.61
N THR A 781 0.13 -13.64 6.05
CA THR A 781 -0.71 -14.50 5.23
C THR A 781 -1.59 -15.44 6.06
N VAL A 782 -1.31 -15.60 7.35
CA VAL A 782 -2.10 -16.48 8.20
C VAL A 782 -3.39 -15.76 8.56
N ARG A 783 -4.36 -15.76 7.65
CA ARG A 783 -5.61 -15.05 7.82
C ARG A 783 -6.75 -16.02 8.13
N PHE A 784 -7.74 -15.53 8.87
CA PHE A 784 -8.94 -16.30 9.16
C PHE A 784 -10.02 -15.35 9.66
N GLN A 785 -11.25 -15.86 9.69
CA GLN A 785 -12.39 -15.12 10.25
C GLN A 785 -12.75 -15.74 11.59
N ALA A 786 -12.75 -14.92 12.63
CA ALA A 786 -13.31 -15.30 13.92
C ALA A 786 -14.83 -15.22 13.84
N LEU A 787 -15.51 -16.31 14.20
CA LEU A 787 -16.85 -16.56 13.67
C LEU A 787 -17.86 -15.47 14.05
N ARG A 788 -17.65 -14.76 15.16
CA ARG A 788 -18.56 -13.67 15.51
C ARG A 788 -17.83 -12.39 15.89
N GLU A 789 -16.56 -12.25 15.51
CA GLU A 789 -15.80 -11.08 15.93
C GLU A 789 -15.19 -10.30 14.77
N GLY A 790 -14.68 -10.98 13.76
CA GLY A 790 -14.11 -10.31 12.60
C GLY A 790 -13.00 -11.15 11.98
N TYR A 791 -12.20 -10.51 11.14
CA TYR A 791 -11.11 -11.14 10.42
C TYR A 791 -9.78 -10.77 11.04
N PHE A 792 -8.89 -11.77 11.17
CA PHE A 792 -7.62 -11.59 11.88
C PHE A 792 -6.48 -12.22 11.09
N CYS A 793 -5.26 -11.82 11.45
CA CYS A 793 -4.05 -12.44 10.91
C CYS A 793 -2.94 -12.35 11.94
N LEU A 794 -1.89 -13.14 11.73
CA LEU A 794 -0.72 -13.09 12.61
C LEU A 794 0.13 -11.88 12.27
N ASP A 795 0.60 -11.20 13.31
CA ASP A 795 1.40 -9.98 13.16
C ASP A 795 2.87 -10.34 12.93
N LYS A 796 3.63 -9.33 12.50
CA LYS A 796 5.06 -9.49 12.29
C LYS A 796 5.78 -9.99 13.52
N ASP A 797 5.32 -9.60 14.71
CA ASP A 797 5.98 -9.92 15.97
C ASP A 797 5.56 -11.26 16.57
N SER A 798 4.71 -12.01 15.88
CA SER A 798 4.20 -13.26 16.45
C SER A 798 5.24 -14.37 16.36
N LYS A 799 5.25 -15.23 17.38
CA LYS A 799 6.11 -16.40 17.45
C LYS A 799 5.27 -17.60 17.89
N GLU A 800 5.90 -18.78 17.97
CA GLU A 800 5.17 -19.98 18.35
C GLU A 800 4.68 -19.90 19.79
N ASP A 801 5.58 -19.50 20.71
CA ASP A 801 5.23 -19.36 22.12
C ASP A 801 4.81 -17.95 22.48
N GLY A 802 4.36 -17.16 21.51
CA GLY A 802 3.93 -15.80 21.78
C GLY A 802 3.15 -15.24 20.62
N LEU A 803 1.91 -15.69 20.44
CA LEU A 803 1.13 -15.31 19.28
C LEU A 803 0.61 -13.88 19.42
N ILE A 804 0.67 -13.14 18.32
CA ILE A 804 0.19 -11.75 18.25
C ILE A 804 -0.69 -11.64 17.02
N LEU A 805 -1.94 -11.23 17.22
CA LEU A 805 -2.92 -11.16 16.16
C LEU A 805 -3.31 -9.71 15.88
N ASN A 806 -3.56 -9.42 14.61
CA ASN A 806 -4.11 -8.13 14.19
C ASN A 806 -5.52 -8.33 13.68
N ARG A 807 -6.45 -7.50 14.13
CA ARG A 807 -7.79 -7.49 13.56
C ARG A 807 -7.73 -6.72 12.25
N ILE A 808 -7.84 -7.43 11.13
CA ILE A 808 -7.75 -6.78 9.82
C ILE A 808 -8.89 -5.79 9.64
N VAL A 809 -10.13 -6.26 9.77
CA VAL A 809 -11.30 -5.44 9.56
C VAL A 809 -12.45 -6.07 10.33
N SER A 810 -13.43 -5.25 10.73
CA SER A 810 -14.54 -5.74 11.51
C SER A 810 -15.40 -6.69 10.69
N LEU A 811 -16.20 -7.50 11.39
CA LEU A 811 -17.06 -8.48 10.73
C LEU A 811 -18.15 -7.78 9.91
N LYS A 812 -18.85 -6.83 10.53
CA LYS A 812 -19.90 -6.05 9.88
C LYS A 812 -20.84 -6.90 9.01
#